data_7P5N
#
_entry.id   7P5N
#
_cell.length_a   103.315
_cell.length_b   103.315
_cell.length_c   56.142
_cell.angle_alpha   90.000
_cell.angle_beta   90.000
_cell.angle_gamma   120.000
#
_symmetry.space_group_name_H-M   'P 61'
#
loop_
_entity.id
_entity.type
_entity.pdbx_description
1 polymer 'Kelch-like ECH-associated protein 1'
2 non-polymer 'CHLORIDE ION'
3 non-polymer '1-[3-[(1~{R},3~{S})-3-[(2~{R})-2-butylpyrrolidin-1-yl]carbonylcyclohexyl]phenyl]-5-cyclopropyl-pyrazole-4-carboxylic acid'
4 water water
#
_entity_poly.entity_id   1
_entity_poly.type   'polypeptide(L)'
_entity_poly.pdbx_seq_one_letter_code
;MGSSHHHHHHSSGLVPRGPKVGRLIYTAGGYFRQSLSYLEAYNPSNGSWLRLADLQVPRSGLAGCVVGGLLYAVGGRNNS
PDGNTDSSALDCYNPMTNQWSPCASMSVPRNRIGVGVIDGHIYAVGGSHGCIHHSSVERYEPERDEWHLVAPMLTRRIGV
GVAVLNRLLYAVGGFDGTNRLNSAECYYPERNEWRMITPMNTIRSGAGVCVLHNCIYAAGGYDGQDQLNSVERYDVETET
WTFVAPMRHHRSALGITVHQGKIYVLGGYDGHTFLDSVECYDPDSDTWSEVTRMTSGRSGVGVAVTMEPCRKQIDQQNCT
C
;
_entity_poly.pdbx_strand_id   A
#
loop_
_chem_comp.id
_chem_comp.type
_chem_comp.name
_chem_comp.formula
5RQ non-polymer '1-[3-[(1~{R},3~{S})-3-[(2~{R})-2-butylpyrrolidin-1-yl]carbonylcyclohexyl]phenyl]-5-cyclopropyl-pyrazole-4-carboxylic acid' 'C28 H37 N3 O3'
CL non-polymer 'CHLORIDE ION' 'Cl -1'
#
# COMPACT_ATOMS: atom_id res chain seq x y z
N GLY A 22 -12.15 4.00 -19.40
CA GLY A 22 -11.33 2.87 -18.89
C GLY A 22 -10.44 3.29 -17.74
N ARG A 23 -10.19 2.37 -16.81
CA ARG A 23 -9.34 2.68 -15.69
C ARG A 23 -8.10 1.80 -15.75
N LEU A 24 -6.99 2.38 -15.26
CA LEU A 24 -5.70 1.74 -15.24
C LEU A 24 -5.23 1.48 -13.80
N ILE A 25 -4.42 0.45 -13.66
CA ILE A 25 -3.69 0.21 -12.42
C ILE A 25 -2.32 0.88 -12.57
N TYR A 26 -2.08 1.90 -11.77
CA TYR A 26 -0.83 2.66 -11.76
C TYR A 26 0.08 2.06 -10.68
N THR A 27 1.34 1.75 -11.05
CA THR A 27 2.39 1.39 -10.11
C THR A 27 3.46 2.49 -10.15
N ALA A 28 3.80 2.99 -8.97
CA ALA A 28 4.74 4.05 -8.80
C ALA A 28 5.88 3.59 -7.90
N GLY A 29 7.11 3.83 -8.35
CA GLY A 29 8.26 3.62 -7.50
C GLY A 29 8.58 2.16 -7.38
N GLY A 30 9.19 1.83 -6.25
CA GLY A 30 9.58 0.46 -5.94
C GLY A 30 11.08 0.32 -5.87
N TYR A 31 11.55 -0.92 -5.92
CA TYR A 31 12.94 -1.21 -5.62
C TYR A 31 13.46 -2.43 -6.37
N PHE A 32 14.56 -2.19 -7.07
CA PHE A 32 15.40 -3.23 -7.62
C PHE A 32 16.82 -2.67 -7.73
N ARG A 33 17.72 -3.15 -6.88
CA ARG A 33 19.11 -2.68 -6.78
C ARG A 33 19.16 -1.33 -6.07
N GLN A 34 18.20 -0.46 -6.35
CA GLN A 34 18.04 0.84 -5.68
C GLN A 34 16.57 1.26 -5.84
N SER A 35 16.18 2.31 -5.15
CA SER A 35 14.79 2.77 -5.27
C SER A 35 14.57 3.33 -6.70
N LEU A 36 13.34 3.22 -7.18
CA LEU A 36 12.99 3.46 -8.61
C LEU A 36 12.08 4.69 -8.75
N SER A 37 12.10 5.29 -9.93
CA SER A 37 11.27 6.47 -10.23
CA SER A 37 11.27 6.46 -10.23
C SER A 37 10.12 6.09 -11.18
N TYR A 38 10.00 4.81 -11.53
CA TYR A 38 9.09 4.42 -12.61
C TYR A 38 7.64 4.82 -12.24
N LEU A 39 6.89 5.32 -13.22
CA LEU A 39 5.43 5.29 -13.16
C LEU A 39 4.95 4.54 -14.40
N GLU A 40 4.23 3.46 -14.17
CA GLU A 40 3.73 2.64 -15.25
C GLU A 40 2.25 2.32 -15.00
N ALA A 41 1.48 2.17 -16.08
CA ALA A 41 0.04 1.98 -15.98
C ALA A 41 -0.35 0.74 -16.77
N TYR A 42 -1.05 -0.18 -16.10
CA TYR A 42 -1.55 -1.38 -16.72
C TYR A 42 -3.05 -1.25 -16.99
N ASN A 43 -3.46 -1.64 -18.18
CA ASN A 43 -4.87 -1.66 -18.63
C ASN A 43 -5.35 -3.12 -18.66
N PRO A 44 -6.12 -3.54 -17.64
CA PRO A 44 -6.79 -4.85 -17.63
C PRO A 44 -7.59 -5.16 -18.90
N SER A 45 -8.18 -4.14 -19.51
CA SER A 45 -9.05 -4.36 -20.69
C SER A 45 -8.25 -4.83 -21.91
N ASN A 46 -6.94 -4.56 -22.01
CA ASN A 46 -6.21 -4.98 -23.24
C ASN A 46 -4.81 -5.56 -22.95
N GLY A 47 -4.40 -5.70 -21.69
CA GLY A 47 -3.10 -6.32 -21.35
C GLY A 47 -1.92 -5.34 -21.42
N SER A 48 -2.16 -4.10 -21.80
CA SER A 48 -1.06 -3.16 -22.17
C SER A 48 -0.46 -2.50 -20.93
N TRP A 49 0.83 -2.16 -21.06
CA TRP A 49 1.54 -1.32 -20.11
C TRP A 49 1.98 -0.03 -20.81
N LEU A 50 1.79 1.11 -20.15
CA LEU A 50 2.27 2.41 -20.60
C LEU A 50 3.30 2.94 -19.59
N ARG A 51 4.46 3.42 -20.05
CA ARG A 51 5.36 4.14 -19.16
C ARG A 51 5.01 5.64 -19.21
N LEU A 52 4.84 6.22 -18.04
CA LEU A 52 4.39 7.59 -17.88
C LEU A 52 5.53 8.41 -17.22
N ALA A 53 5.23 9.64 -16.81
CA ALA A 53 6.25 10.51 -16.28
C ALA A 53 6.84 9.96 -14.96
N ASP A 54 8.17 9.95 -14.91
CA ASP A 54 8.90 9.50 -13.76
C ASP A 54 8.54 10.35 -12.54
N LEU A 55 8.52 9.72 -11.37
CA LEU A 55 8.59 10.46 -10.11
C LEU A 55 9.80 11.42 -10.15
N GLN A 56 9.65 12.56 -9.47
CA GLN A 56 10.73 13.55 -9.33
C GLN A 56 11.86 12.96 -8.47
N VAL A 57 11.52 12.10 -7.52
CA VAL A 57 12.50 11.53 -6.57
C VAL A 57 12.24 10.02 -6.49
N PRO A 58 13.28 9.20 -6.72
CA PRO A 58 13.10 7.77 -6.59
C PRO A 58 12.57 7.42 -5.19
N ARG A 59 11.73 6.40 -5.10
CA ARG A 59 11.25 5.98 -3.80
C ARG A 59 10.72 4.55 -3.86
N SER A 60 11.07 3.82 -2.82
CA SER A 60 10.47 2.55 -2.48
C SER A 60 9.74 2.70 -1.13
N GLY A 61 8.90 1.74 -0.83
CA GLY A 61 8.25 1.67 0.45
C GLY A 61 7.24 2.78 0.64
N LEU A 62 6.76 3.31 -0.50
CA LEU A 62 5.75 4.35 -0.53
C LEU A 62 4.36 3.70 -0.64
N ALA A 63 3.33 4.52 -0.48
CA ALA A 63 1.97 4.10 -0.83
C ALA A 63 1.41 5.00 -1.94
N GLY A 64 0.53 4.42 -2.75
CA GLY A 64 -0.34 5.16 -3.66
C GLY A 64 -1.79 5.19 -3.20
N CYS A 65 -2.48 6.26 -3.60
CA CYS A 65 -3.91 6.40 -3.41
C CYS A 65 -4.43 7.41 -4.44
N VAL A 66 -5.73 7.51 -4.58
CA VAL A 66 -6.36 8.40 -5.56
C VAL A 66 -7.42 9.25 -4.84
N VAL A 67 -7.43 10.54 -5.12
CA VAL A 67 -8.48 11.43 -4.64
C VAL A 67 -8.86 12.37 -5.79
N GLY A 68 -10.15 12.40 -6.12
CA GLY A 68 -10.66 13.30 -7.14
C GLY A 68 -9.97 13.04 -8.48
N GLY A 69 -9.75 11.78 -8.82
CA GLY A 69 -9.10 11.45 -10.11
C GLY A 69 -7.57 11.56 -10.09
N LEU A 70 -6.98 12.22 -9.09
CA LEU A 70 -5.53 12.44 -9.04
C LEU A 70 -4.86 11.31 -8.26
N LEU A 71 -3.68 10.94 -8.73
CA LEU A 71 -2.89 9.92 -8.14
C LEU A 71 -1.87 10.56 -7.20
N TYR A 72 -1.78 10.04 -5.98
CA TYR A 72 -0.84 10.56 -4.99
C TYR A 72 0.18 9.48 -4.62
N ALA A 73 1.44 9.89 -4.52
CA ALA A 73 2.52 9.08 -3.98
C ALA A 73 2.97 9.66 -2.65
N VAL A 74 3.00 8.80 -1.63
CA VAL A 74 3.09 9.23 -0.24
C VAL A 74 4.25 8.51 0.47
N GLY A 75 5.19 9.26 1.03
CA GLY A 75 6.25 8.65 1.85
C GLY A 75 7.21 7.77 1.04
N GLY A 76 7.82 6.81 1.74
CA GLY A 76 8.83 5.92 1.18
C GLY A 76 10.24 6.33 1.61
N ARG A 77 11.21 5.89 0.82
CA ARG A 77 12.62 6.14 1.06
C ARG A 77 13.35 6.03 -0.28
N ASN A 78 14.32 6.89 -0.49
CA ASN A 78 15.23 6.71 -1.58
C ASN A 78 16.43 5.92 -1.08
N ASN A 79 16.44 4.62 -1.37
CA ASN A 79 17.62 3.79 -1.22
C ASN A 79 18.49 3.94 -2.47
N SER A 80 19.60 4.65 -2.37
CA SER A 80 20.43 4.98 -3.50
C SER A 80 21.90 4.69 -3.17
N PRO A 81 22.70 4.34 -4.19
CA PRO A 81 24.10 4.00 -3.98
C PRO A 81 24.89 5.05 -3.17
N ASP A 82 24.45 6.30 -3.19
CA ASP A 82 25.18 7.34 -2.46
C ASP A 82 24.29 8.10 -1.48
N GLY A 83 23.32 7.41 -0.89
CA GLY A 83 22.66 7.91 0.30
C GLY A 83 21.24 7.37 0.40
N ASN A 84 20.78 7.15 1.62
CA ASN A 84 19.43 6.64 1.86
C ASN A 84 18.63 7.72 2.59
N THR A 85 17.54 8.19 1.99
CA THR A 85 16.78 9.32 2.53
C THR A 85 15.31 8.93 2.61
N ASP A 86 14.80 8.88 3.85
CA ASP A 86 13.38 8.64 4.10
C ASP A 86 12.63 9.85 3.59
N SER A 87 11.42 9.60 3.08
CA SER A 87 10.62 10.62 2.42
C SER A 87 9.42 11.04 3.27
N SER A 88 9.27 12.32 3.48
CA SER A 88 8.00 12.90 4.01
C SER A 88 7.13 13.46 2.86
N ALA A 89 7.49 13.17 1.60
CA ALA A 89 6.90 13.83 0.45
C ALA A 89 5.50 13.28 0.15
N LEU A 90 4.66 14.20 -0.29
CA LEU A 90 3.43 13.88 -0.97
C LEU A 90 3.49 14.52 -2.35
N ASP A 91 3.33 13.69 -3.38
CA ASP A 91 3.36 14.16 -4.77
C ASP A 91 2.12 13.71 -5.53
N CYS A 92 1.66 14.58 -6.42
CA CYS A 92 0.39 14.42 -7.09
C CYS A 92 0.62 14.31 -8.61
N TYR A 93 0.09 13.25 -9.21
CA TYR A 93 0.12 13.00 -10.66
C TYR A 93 -1.28 13.20 -11.27
N ASN A 94 -1.33 14.11 -12.23
CA ASN A 94 -2.55 14.36 -13.00
C ASN A 94 -2.49 13.59 -14.33
N PRO A 95 -3.30 12.54 -14.47
CA PRO A 95 -3.32 11.79 -15.75
C PRO A 95 -3.69 12.67 -16.95
N MET A 96 -4.43 13.76 -16.74
CA MET A 96 -4.83 14.64 -17.84
C MET A 96 -3.60 15.32 -18.46
N THR A 97 -2.57 15.59 -17.65
CA THR A 97 -1.38 16.37 -18.06
C THR A 97 -0.12 15.49 -18.11
N ASN A 98 -0.14 14.31 -17.49
CA ASN A 98 1.04 13.46 -17.37
C ASN A 98 2.14 14.24 -16.63
N GLN A 99 1.78 15.00 -15.60
CA GLN A 99 2.77 15.71 -14.78
C GLN A 99 2.58 15.43 -13.28
N TRP A 100 3.71 15.34 -12.60
CA TRP A 100 3.81 15.27 -11.14
C TRP A 100 3.96 16.68 -10.60
N SER A 101 3.21 17.00 -9.56
CA SER A 101 3.36 18.23 -8.82
C SER A 101 3.61 17.89 -7.35
N PRO A 102 4.56 18.58 -6.71
CA PRO A 102 4.66 18.50 -5.26
C PRO A 102 3.43 19.09 -4.54
N CYS A 103 3.11 18.46 -3.42
CA CYS A 103 2.17 18.94 -2.43
C CYS A 103 2.91 19.18 -1.10
N ALA A 104 2.18 19.66 -0.08
CA ALA A 104 2.73 19.82 1.26
C ALA A 104 3.34 18.51 1.74
N SER A 105 4.49 18.61 2.38
CA SER A 105 5.12 17.44 3.01
C SER A 105 4.44 17.14 4.34
N MET A 106 4.55 15.88 4.72
CA MET A 106 4.05 15.36 6.00
C MET A 106 4.94 15.89 7.14
N SER A 107 4.45 15.72 8.37
CA SER A 107 5.13 16.16 9.59
C SER A 107 6.49 15.47 9.74
N VAL A 108 6.64 14.31 9.12
CA VAL A 108 7.74 13.43 9.43
C VAL A 108 7.95 12.48 8.23
N PRO A 109 9.21 12.05 7.99
CA PRO A 109 9.40 11.02 6.97
C PRO A 109 8.74 9.71 7.43
N ARG A 110 8.14 9.02 6.46
CA ARG A 110 7.49 7.75 6.72
C ARG A 110 7.80 6.75 5.58
N ASN A 111 8.81 5.93 5.79
CA ASN A 111 9.17 4.86 4.90
C ASN A 111 8.31 3.66 5.31
N ARG A 112 7.99 2.79 4.35
CA ARG A 112 7.20 1.58 4.64
C ARG A 112 5.85 1.99 5.24
N ILE A 113 5.21 2.92 4.55
CA ILE A 113 4.02 3.59 4.99
C ILE A 113 2.79 2.79 4.55
N GLY A 114 1.67 3.04 5.17
CA GLY A 114 0.37 2.69 4.59
C GLY A 114 -0.52 3.90 4.56
N VAL A 115 -1.47 3.93 3.63
CA VAL A 115 -2.36 5.04 3.50
C VAL A 115 -3.78 4.55 3.20
N GLY A 116 -4.72 5.41 3.52
CA GLY A 116 -6.14 5.20 3.21
C GLY A 116 -6.84 6.52 2.99
N VAL A 117 -7.85 6.51 2.12
CA VAL A 117 -8.60 7.67 1.80
C VAL A 117 -9.98 7.55 2.45
N ILE A 118 -10.37 8.60 3.18
CA ILE A 118 -11.73 8.71 3.68
C ILE A 118 -12.27 10.10 3.35
N ASP A 119 -13.44 10.13 2.72
CA ASP A 119 -14.14 11.39 2.51
C ASP A 119 -13.21 12.42 1.88
N GLY A 120 -12.45 12.02 0.86
CA GLY A 120 -11.56 12.95 0.11
C GLY A 120 -10.29 13.36 0.85
N HIS A 121 -10.00 12.73 1.98
CA HIS A 121 -8.81 13.04 2.78
C HIS A 121 -7.91 11.81 2.86
N ILE A 122 -6.60 12.04 2.87
CA ILE A 122 -5.59 10.99 2.83
C ILE A 122 -5.04 10.77 4.23
N TYR A 123 -5.17 9.56 4.78
CA TYR A 123 -4.49 9.22 6.05
C TYR A 123 -3.17 8.52 5.76
N ALA A 124 -2.10 9.11 6.30
CA ALA A 124 -0.78 8.54 6.29
C ALA A 124 -0.55 7.85 7.65
N VAL A 125 -0.26 6.56 7.63
CA VAL A 125 -0.23 5.73 8.83
C VAL A 125 1.17 5.12 9.03
N GLY A 126 1.76 5.37 10.21
CA GLY A 126 2.91 4.57 10.62
C GLY A 126 4.13 4.87 9.77
N GLY A 127 4.93 3.83 9.54
CA GLY A 127 6.14 3.94 8.77
C GLY A 127 7.35 4.23 9.65
N SER A 128 8.52 4.25 9.03
CA SER A 128 9.77 4.45 9.76
C SER A 128 10.49 5.74 9.32
N HIS A 129 11.26 6.27 10.26
CA HIS A 129 12.25 7.31 9.97
C HIS A 129 13.54 6.85 10.66
N GLY A 130 14.49 6.34 9.89
CA GLY A 130 15.65 5.67 10.51
C GLY A 130 15.16 4.61 11.49
N CYS A 131 15.71 4.56 12.68
CA CYS A 131 15.31 3.56 13.68
C CYS A 131 14.00 3.97 14.38
N ILE A 132 13.39 5.10 14.02
CA ILE A 132 12.10 5.46 14.63
C ILE A 132 10.99 4.70 13.91
N HIS A 133 10.24 3.93 14.70
CA HIS A 133 9.05 3.25 14.22
C HIS A 133 7.82 4.03 14.69
N HIS A 134 7.08 4.61 13.75
CA HIS A 134 5.98 5.54 14.10
C HIS A 134 4.71 4.79 14.52
N SER A 135 4.05 5.34 15.55
CA SER A 135 2.62 5.06 15.83
C SER A 135 1.73 6.22 15.34
N SER A 136 2.37 7.35 14.99
CA SER A 136 1.69 8.57 14.57
C SER A 136 0.95 8.38 13.24
N VAL A 137 -0.08 9.20 13.09
CA VAL A 137 -1.00 9.21 11.94
C VAL A 137 -1.34 10.66 11.59
N GLU A 138 -1.43 10.97 10.31
CA GLU A 138 -1.73 12.33 9.92
C GLU A 138 -2.60 12.31 8.67
N ARG A 139 -3.29 13.43 8.50
CA ARG A 139 -4.38 13.51 7.55
C ARG A 139 -4.20 14.72 6.62
N TYR A 140 -4.19 14.44 5.33
CA TYR A 140 -4.06 15.46 4.31
C TYR A 140 -5.42 15.87 3.73
N GLU A 141 -5.63 17.18 3.61
CA GLU A 141 -6.81 17.80 3.02
C GLU A 141 -6.43 18.51 1.71
N PRO A 142 -6.70 17.84 0.57
CA PRO A 142 -6.32 18.42 -0.73
C PRO A 142 -6.79 19.85 -1.00
N GLU A 143 -7.95 20.26 -0.49
CA GLU A 143 -8.50 21.59 -0.79
C GLU A 143 -7.66 22.68 -0.09
N ARG A 144 -7.04 22.33 1.03
CA ARG A 144 -6.20 23.30 1.80
C ARG A 144 -4.72 23.04 1.55
N ASP A 145 -4.36 21.95 0.86
CA ASP A 145 -2.95 21.48 0.81
C ASP A 145 -2.28 21.48 2.19
N GLU A 146 -2.89 20.78 3.15
CA GLU A 146 -2.44 20.81 4.55
C GLU A 146 -2.49 19.41 5.17
N TRP A 147 -1.45 19.07 5.93
CA TRP A 147 -1.47 17.88 6.79
C TRP A 147 -1.76 18.28 8.23
N HIS A 148 -2.50 17.44 8.95
CA HIS A 148 -2.72 17.62 10.41
C HIS A 148 -2.62 16.27 11.08
N LEU A 149 -1.99 16.20 12.26
CA LEU A 149 -1.90 14.95 12.99
C LEU A 149 -3.27 14.60 13.57
N VAL A 150 -3.55 13.31 13.63
CA VAL A 150 -4.72 12.83 14.32
C VAL A 150 -4.23 11.91 15.45
N ALA A 151 -5.13 11.26 16.16
CA ALA A 151 -4.75 10.33 17.25
C ALA A 151 -3.78 9.28 16.70
N PRO A 152 -2.71 8.98 17.48
CA PRO A 152 -1.79 7.93 17.07
C PRO A 152 -2.40 6.53 17.27
N MET A 153 -1.88 5.57 16.52
CA MET A 153 -2.27 4.17 16.69
C MET A 153 -1.86 3.72 18.09
N LEU A 154 -2.45 2.63 18.54
CA LEU A 154 -2.09 2.02 19.81
C LEU A 154 -0.75 1.27 19.71
N THR A 155 -0.30 0.98 18.50
CA THR A 155 0.90 0.23 18.25
C THR A 155 1.78 0.97 17.23
N ARG A 156 3.09 0.94 17.44
CA ARG A 156 3.97 1.41 16.39
C ARG A 156 3.90 0.41 15.23
N ARG A 157 3.75 0.88 14.00
CA ARG A 157 3.66 -0.07 12.88
C ARG A 157 4.37 0.49 11.67
N ILE A 158 5.35 -0.25 11.16
CA ILE A 158 5.90 0.00 9.88
C ILE A 158 5.63 -1.25 9.02
N GLY A 159 5.58 -1.07 7.71
CA GLY A 159 5.20 -2.15 6.81
C GLY A 159 3.75 -2.54 7.04
N VAL A 160 3.00 -1.54 7.44
CA VAL A 160 1.60 -1.65 7.87
C VAL A 160 0.65 -1.63 6.65
N GLY A 161 -0.29 -2.57 6.63
CA GLY A 161 -1.36 -2.55 5.67
C GLY A 161 -2.52 -1.68 6.15
N VAL A 162 -3.06 -0.88 5.25
CA VAL A 162 -4.13 0.02 5.56
C VAL A 162 -5.26 -0.19 4.55
N ALA A 163 -6.47 -0.22 5.06
CA ALA A 163 -7.66 -0.28 4.21
C ALA A 163 -8.78 0.57 4.83
N VAL A 164 -9.71 0.98 4.00
CA VAL A 164 -10.89 1.75 4.40
C VAL A 164 -12.12 0.91 4.03
N LEU A 165 -12.99 0.70 4.99
CA LEU A 165 -14.27 0.05 4.76
C LEU A 165 -15.32 0.80 5.59
N ASN A 166 -16.43 1.17 4.96
CA ASN A 166 -17.52 1.83 5.61
C ASN A 166 -17.02 3.08 6.36
N ARG A 167 -16.10 3.84 5.75
CA ARG A 167 -15.56 5.08 6.29
C ARG A 167 -14.92 4.88 7.66
N LEU A 168 -14.34 3.71 7.85
CA LEU A 168 -13.45 3.46 8.95
C LEU A 168 -12.10 3.01 8.40
N LEU A 169 -11.03 3.28 9.16
CA LEU A 169 -9.64 3.11 8.69
C LEU A 169 -9.01 1.98 9.50
N TYR A 170 -8.42 1.03 8.81
CA TYR A 170 -7.84 -0.15 9.44
C TYR A 170 -6.34 -0.16 9.22
N ALA A 171 -5.60 -0.45 10.28
CA ALA A 171 -4.14 -0.63 10.26
C ALA A 171 -3.89 -2.09 10.64
N VAL A 172 -3.19 -2.81 9.77
CA VAL A 172 -3.13 -4.25 9.85
C VAL A 172 -1.68 -4.72 9.78
N GLY A 173 -1.24 -5.42 10.84
CA GLY A 173 0.07 -6.05 10.91
C GLY A 173 1.20 -5.04 10.92
N GLY A 174 2.33 -5.42 10.31
CA GLY A 174 3.51 -4.58 10.29
C GLY A 174 4.53 -5.00 11.34
N PHE A 175 5.44 -4.08 11.60
CA PHE A 175 6.58 -4.31 12.49
C PHE A 175 6.70 -3.13 13.44
N ASP A 176 6.82 -3.41 14.73
CA ASP A 176 6.76 -2.39 15.77
C ASP A 176 8.13 -1.92 16.28
N GLY A 177 9.20 -2.40 15.65
CA GLY A 177 10.56 -2.09 16.08
C GLY A 177 11.22 -3.31 16.69
N THR A 178 10.42 -4.26 17.20
CA THR A 178 10.92 -5.48 17.82
C THR A 178 10.30 -6.72 17.17
N ASN A 179 8.97 -6.78 17.08
CA ASN A 179 8.29 -7.97 16.56
C ASN A 179 7.46 -7.61 15.32
N ARG A 180 7.38 -8.56 14.38
CA ARG A 180 6.33 -8.51 13.37
C ARG A 180 5.00 -8.86 14.04
N LEU A 181 3.88 -8.33 13.52
CA LEU A 181 2.60 -8.30 14.24
C LEU A 181 1.51 -9.06 13.48
N ASN A 182 0.67 -9.76 14.25
CA ASN A 182 -0.60 -10.26 13.73
C ASN A 182 -1.74 -9.31 14.13
N SER A 183 -1.46 -8.31 14.97
CA SER A 183 -2.51 -7.43 15.49
C SER A 183 -2.99 -6.47 14.41
N ALA A 184 -4.20 -5.97 14.66
CA ALA A 184 -4.78 -4.96 13.81
C ALA A 184 -5.67 -4.08 14.66
N GLU A 185 -5.91 -2.88 14.14
CA GLU A 185 -6.69 -1.86 14.83
C GLU A 185 -7.46 -0.98 13.83
N CYS A 186 -8.46 -0.28 14.37
CA CYS A 186 -9.45 0.48 13.60
C CYS A 186 -9.57 1.90 14.16
N TYR A 187 -9.60 2.87 13.26
CA TYR A 187 -9.72 4.28 13.61
C TYR A 187 -11.12 4.77 13.26
N TYR A 188 -11.77 5.30 14.29
CA TYR A 188 -13.12 5.85 14.26
C TYR A 188 -13.00 7.37 14.20
N PRO A 189 -13.07 7.95 12.98
CA PRO A 189 -12.84 9.35 12.76
C PRO A 189 -13.63 10.25 13.71
N GLU A 190 -14.93 9.99 13.91
CA GLU A 190 -15.75 10.93 14.64
C GLU A 190 -15.43 10.89 16.14
N ARG A 191 -14.69 9.88 16.60
CA ARG A 191 -14.23 9.79 17.99
C ARG A 191 -12.73 10.12 18.07
N ASN A 192 -12.08 10.26 16.93
CA ASN A 192 -10.61 10.41 16.85
C ASN A 192 -9.95 9.38 17.78
N GLU A 193 -10.26 8.11 17.55
CA GLU A 193 -9.93 7.06 18.49
C GLU A 193 -9.58 5.77 17.73
N TRP A 194 -8.52 5.12 18.19
CA TRP A 194 -8.09 3.82 17.69
C TRP A 194 -8.57 2.72 18.64
N ARG A 195 -9.00 1.58 18.10
CA ARG A 195 -9.31 0.43 18.94
C ARG A 195 -8.83 -0.85 18.25
N MET A 196 -8.33 -1.80 19.04
CA MET A 196 -7.92 -3.10 18.51
C MET A 196 -9.13 -3.80 17.88
N ILE A 197 -8.86 -4.57 16.86
CA ILE A 197 -9.80 -5.57 16.35
C ILE A 197 -9.16 -6.94 16.54
N THR A 198 -9.94 -7.98 16.23
CA THR A 198 -9.48 -9.34 16.17
C THR A 198 -8.14 -9.39 15.43
N PRO A 199 -7.14 -10.07 16.01
CA PRO A 199 -5.88 -10.23 15.29
C PRO A 199 -6.07 -11.21 14.13
N MET A 200 -5.22 -11.07 13.12
CA MET A 200 -5.11 -12.05 12.06
C MET A 200 -4.65 -13.40 12.64
N ASN A 201 -4.77 -14.43 11.81
CA ASN A 201 -4.31 -15.75 12.16
C ASN A 201 -2.85 -15.91 11.78
N THR A 202 -2.28 -14.90 11.14
CA THR A 202 -0.91 -14.98 10.66
C THR A 202 -0.22 -13.65 10.96
N ILE A 203 1.02 -13.75 11.47
CA ILE A 203 1.89 -12.58 11.59
C ILE A 203 2.25 -12.12 10.17
N ARG A 204 2.03 -10.85 9.87
CA ARG A 204 2.30 -10.32 8.54
C ARG A 204 2.85 -8.89 8.62
N SER A 205 4.08 -8.73 8.14
CA SER A 205 4.68 -7.42 7.92
C SER A 205 4.99 -7.23 6.44
N GLY A 206 4.65 -6.07 5.91
CA GLY A 206 4.83 -5.76 4.50
C GLY A 206 3.97 -6.62 3.61
N ALA A 207 2.74 -6.77 4.06
CA ALA A 207 1.73 -7.46 3.31
C ALA A 207 1.07 -6.45 2.36
N GLY A 208 0.13 -6.96 1.59
CA GLY A 208 -0.78 -6.16 0.82
C GLY A 208 -2.15 -6.20 1.48
N VAL A 209 -2.70 -5.04 1.80
CA VAL A 209 -4.02 -5.00 2.46
C VAL A 209 -4.96 -4.14 1.61
N CYS A 210 -6.16 -4.67 1.35
CA CYS A 210 -7.17 -3.92 0.59
C CYS A 210 -8.57 -4.34 1.05
N VAL A 211 -9.59 -3.71 0.48
CA VAL A 211 -10.96 -4.06 0.78
C VAL A 211 -11.67 -4.51 -0.48
N LEU A 212 -12.52 -5.51 -0.29
CA LEU A 212 -13.40 -6.01 -1.30
C LEU A 212 -14.68 -6.47 -0.62
N HIS A 213 -15.79 -5.89 -1.09
CA HIS A 213 -17.12 -6.15 -0.53
C HIS A 213 -17.04 -5.75 0.95
N ASN A 214 -17.42 -6.65 1.85
CA ASN A 214 -17.47 -6.32 3.26
C ASN A 214 -16.22 -6.79 4.00
N CYS A 215 -15.12 -7.10 3.30
CA CYS A 215 -13.98 -7.73 3.96
C CYS A 215 -12.67 -6.97 3.70
N ILE A 216 -11.82 -6.92 4.73
CA ILE A 216 -10.42 -6.50 4.61
C ILE A 216 -9.60 -7.74 4.26
N TYR A 217 -8.88 -7.72 3.15
CA TYR A 217 -7.96 -8.78 2.77
C TYR A 217 -6.53 -8.43 3.16
N ALA A 218 -5.80 -9.41 3.68
CA ALA A 218 -4.38 -9.32 3.95
C ALA A 218 -3.72 -10.47 3.18
N ALA A 219 -2.89 -10.10 2.21
CA ALA A 219 -2.24 -11.02 1.28
C ALA A 219 -0.73 -10.94 1.52
N GLY A 220 -0.11 -12.09 1.70
CA GLY A 220 1.37 -12.18 1.75
C GLY A 220 1.94 -11.47 2.96
N GLY A 221 3.15 -10.93 2.80
CA GLY A 221 3.86 -10.36 3.92
C GLY A 221 5.01 -11.27 4.33
N TYR A 222 5.66 -10.85 5.41
CA TYR A 222 6.76 -11.53 6.03
C TYR A 222 6.38 -11.83 7.49
N ASP A 223 6.62 -13.04 7.96
CA ASP A 223 6.17 -13.43 9.32
C ASP A 223 7.26 -13.45 10.37
N GLY A 224 8.46 -12.99 10.00
CA GLY A 224 9.64 -13.14 10.83
C GLY A 224 10.59 -14.19 10.30
N GLN A 225 10.07 -15.20 9.60
CA GLN A 225 10.92 -16.29 9.11
C GLN A 225 10.85 -16.38 7.57
N ASP A 226 9.66 -16.20 7.00
CA ASP A 226 9.42 -16.54 5.60
C ASP A 226 8.46 -15.56 4.94
N GLN A 227 8.64 -15.36 3.63
CA GLN A 227 7.65 -14.67 2.82
C GLN A 227 6.44 -15.60 2.71
N LEU A 228 5.26 -15.00 2.72
CA LEU A 228 3.97 -15.71 2.82
C LEU A 228 3.26 -15.68 1.48
N ASN A 229 2.56 -16.77 1.14
CA ASN A 229 1.64 -16.76 0.01
C ASN A 229 0.18 -16.72 0.53
N SER A 230 -0.01 -16.86 1.85
CA SER A 230 -1.34 -17.07 2.40
C SER A 230 -2.13 -15.77 2.31
N VAL A 231 -3.44 -15.92 2.33
CA VAL A 231 -4.32 -14.74 2.24
C VAL A 231 -5.49 -14.95 3.19
N GLU A 232 -5.78 -13.93 4.01
CA GLU A 232 -6.94 -14.03 4.90
C GLU A 232 -7.75 -12.73 4.85
N ARG A 233 -9.01 -12.86 5.24
CA ARG A 233 -9.89 -11.72 5.15
C ARG A 233 -10.72 -11.59 6.43
N TYR A 234 -10.90 -10.34 6.81
CA TYR A 234 -11.68 -9.95 7.96
C TYR A 234 -13.07 -9.44 7.54
N ASP A 235 -14.09 -10.10 8.05
CA ASP A 235 -15.48 -9.68 7.82
C ASP A 235 -15.86 -8.78 9.00
N VAL A 236 -16.09 -7.50 8.73
CA VAL A 236 -16.40 -6.56 9.81
C VAL A 236 -17.68 -6.97 10.54
N GLU A 237 -18.58 -7.69 9.90
CA GLU A 237 -19.83 -8.04 10.63
C GLU A 237 -19.58 -9.18 11.61
N THR A 238 -18.67 -10.11 11.28
CA THR A 238 -18.44 -11.30 12.09
C THR A 238 -17.23 -11.11 13.01
N GLU A 239 -16.37 -10.15 12.68
CA GLU A 239 -15.15 -9.83 13.44
C GLU A 239 -14.21 -11.04 13.44
N THR A 240 -14.23 -11.82 12.37
CA THR A 240 -13.33 -12.98 12.32
C THR A 240 -12.54 -12.92 11.02
N TRP A 241 -11.35 -13.53 11.04
CA TRP A 241 -10.52 -13.68 9.87
C TRP A 241 -10.63 -15.11 9.34
N THR A 242 -10.77 -15.24 8.01
CA THR A 242 -10.80 -16.55 7.36
C THR A 242 -9.77 -16.58 6.25
N PHE A 243 -9.01 -17.67 6.13
CA PHE A 243 -8.07 -17.84 5.02
C PHE A 243 -8.86 -18.12 3.75
N VAL A 244 -8.41 -17.57 2.64
CA VAL A 244 -8.95 -17.92 1.34
C VAL A 244 -7.82 -18.61 0.56
N ALA A 245 -7.96 -18.79 -0.73
CA ALA A 245 -6.91 -19.47 -1.51
C ALA A 245 -5.59 -18.66 -1.47
N PRO A 246 -4.45 -19.37 -1.35
CA PRO A 246 -3.15 -18.69 -1.32
C PRO A 246 -2.80 -18.14 -2.71
N MET A 247 -1.96 -17.11 -2.75
CA MET A 247 -1.40 -16.64 -3.99
C MET A 247 -0.46 -17.72 -4.54
N ARG A 248 -0.17 -17.63 -5.83
CA ARG A 248 0.77 -18.51 -6.55
C ARG A 248 2.21 -18.26 -6.06
N HIS A 249 2.50 -17.02 -5.70
CA HIS A 249 3.84 -16.64 -5.23
C HIS A 249 3.79 -16.21 -3.77
N HIS A 250 4.81 -16.62 -3.03
CA HIS A 250 5.10 -16.00 -1.76
C HIS A 250 5.56 -14.57 -2.05
N ARG A 251 5.13 -13.58 -1.26
CA ARG A 251 5.54 -12.20 -1.53
C ARG A 251 5.54 -11.36 -0.25
N SER A 252 6.63 -10.62 -0.03
CA SER A 252 6.65 -9.48 0.90
C SER A 252 6.86 -8.18 0.09
N ALA A 253 6.41 -7.06 0.63
CA ALA A 253 6.46 -5.72 -0.04
C ALA A 253 5.81 -5.75 -1.44
N LEU A 254 4.66 -6.41 -1.50
CA LEU A 254 3.82 -6.41 -2.68
C LEU A 254 3.01 -5.12 -2.70
N GLY A 255 2.61 -4.72 -3.90
CA GLY A 255 1.60 -3.72 -4.09
C GLY A 255 0.27 -4.43 -4.25
N ILE A 256 -0.83 -3.76 -3.87
CA ILE A 256 -2.14 -4.38 -4.02
C ILE A 256 -3.15 -3.31 -4.37
N THR A 257 -4.13 -3.67 -5.20
CA THR A 257 -5.24 -2.82 -5.43
C THR A 257 -6.47 -3.63 -5.88
N VAL A 258 -7.57 -2.88 -6.05
CA VAL A 258 -8.82 -3.42 -6.53
C VAL A 258 -9.18 -2.68 -7.82
N HIS A 259 -9.61 -3.45 -8.80
CA HIS A 259 -10.01 -2.97 -10.13
C HIS A 259 -11.18 -3.83 -10.57
N GLN A 260 -12.35 -3.21 -10.72
CA GLN A 260 -13.61 -3.85 -11.09
C GLN A 260 -13.82 -5.17 -10.35
N GLY A 261 -13.77 -5.14 -9.01
CA GLY A 261 -14.26 -6.26 -8.17
C GLY A 261 -13.26 -7.40 -7.98
N LYS A 262 -12.03 -7.16 -8.47
CA LYS A 262 -10.96 -8.16 -8.39
C LYS A 262 -9.75 -7.50 -7.72
N ILE A 263 -9.08 -8.30 -6.89
CA ILE A 263 -7.83 -7.92 -6.28
C ILE A 263 -6.69 -8.23 -7.26
N TYR A 264 -5.81 -7.27 -7.40
CA TYR A 264 -4.57 -7.41 -8.14
C TYR A 264 -3.41 -7.22 -7.17
N VAL A 265 -2.45 -8.14 -7.23
CA VAL A 265 -1.20 -7.98 -6.46
C VAL A 265 -0.04 -7.90 -7.44
N LEU A 266 0.87 -6.99 -7.14
CA LEU A 266 1.92 -6.58 -8.06
C LEU A 266 3.30 -6.68 -7.37
N GLY A 267 4.15 -7.52 -7.91
CA GLY A 267 5.57 -7.52 -7.51
C GLY A 267 5.77 -8.06 -6.11
N GLY A 268 6.83 -7.57 -5.47
CA GLY A 268 7.25 -8.05 -4.17
C GLY A 268 8.49 -8.90 -4.29
N TYR A 269 8.88 -9.46 -3.15
CA TYR A 269 10.10 -10.25 -3.03
C TYR A 269 9.68 -11.63 -2.49
N ASP A 270 10.12 -12.70 -3.14
CA ASP A 270 9.78 -14.06 -2.72
C ASP A 270 10.85 -14.77 -1.90
N GLY A 271 11.86 -14.04 -1.43
CA GLY A 271 13.00 -14.64 -0.77
C GLY A 271 14.18 -14.88 -1.72
N HIS A 272 13.99 -14.64 -3.02
CA HIS A 272 14.97 -15.07 -4.06
C HIS A 272 15.06 -14.05 -5.20
N THR A 273 13.88 -13.65 -5.68
CA THR A 273 13.69 -12.84 -6.86
C THR A 273 12.80 -11.63 -6.51
N PHE A 274 13.12 -10.48 -7.09
CA PHE A 274 12.19 -9.35 -7.13
C PHE A 274 11.20 -9.65 -8.27
N LEU A 275 9.93 -9.87 -7.90
CA LEU A 275 8.97 -10.51 -8.81
C LEU A 275 8.47 -9.47 -9.81
N ASP A 276 8.29 -9.90 -11.05
CA ASP A 276 7.52 -9.10 -11.99
C ASP A 276 6.07 -9.62 -12.03
N SER A 277 5.78 -10.72 -11.34
CA SER A 277 4.45 -11.35 -11.38
C SER A 277 3.37 -10.37 -10.92
N VAL A 278 2.33 -10.23 -11.76
CA VAL A 278 1.04 -9.67 -11.34
C VAL A 278 0.01 -10.81 -11.32
N GLU A 279 -0.63 -11.02 -10.16
CA GLU A 279 -1.68 -12.03 -9.97
C GLU A 279 -3.02 -11.34 -9.65
N CYS A 280 -4.13 -11.97 -9.99
CA CYS A 280 -5.41 -11.44 -9.57
C CYS A 280 -6.26 -12.56 -8.96
N TYR A 281 -7.13 -12.11 -8.05
CA TYR A 281 -7.98 -12.96 -7.24
C TYR A 281 -9.43 -12.75 -7.68
N ASP A 282 -10.10 -13.85 -7.95
CA ASP A 282 -11.51 -13.87 -8.28
C ASP A 282 -12.22 -14.45 -7.04
N PRO A 283 -12.92 -13.58 -6.29
CA PRO A 283 -13.61 -14.02 -5.09
C PRO A 283 -14.71 -15.07 -5.35
N ASP A 284 -15.36 -15.04 -6.51
CA ASP A 284 -16.45 -16.01 -6.77
C ASP A 284 -15.92 -17.43 -6.98
N SER A 285 -14.74 -17.60 -7.58
CA SER A 285 -14.14 -18.94 -7.75
C SER A 285 -13.08 -19.22 -6.67
N ASP A 286 -12.72 -18.20 -5.88
CA ASP A 286 -11.63 -18.33 -4.91
C ASP A 286 -10.38 -18.85 -5.58
N THR A 287 -9.99 -18.20 -6.67
CA THR A 287 -8.77 -18.59 -7.38
C THR A 287 -7.93 -17.35 -7.70
N TRP A 288 -6.63 -17.60 -7.66
CA TRP A 288 -5.63 -16.66 -8.08
C TRP A 288 -5.16 -17.07 -9.47
N SER A 289 -4.94 -16.11 -10.36
CA SER A 289 -4.34 -16.44 -11.62
C SER A 289 -3.32 -15.37 -11.99
N GLU A 290 -2.31 -15.73 -12.78
CA GLU A 290 -1.36 -14.71 -13.30
C GLU A 290 -2.10 -13.86 -14.33
N VAL A 291 -1.90 -12.54 -14.39
CA VAL A 291 -2.65 -11.80 -15.42
C VAL A 291 -1.71 -11.06 -16.36
N THR A 292 -0.54 -10.71 -15.86
CA THR A 292 0.42 -9.98 -16.64
C THR A 292 1.74 -10.00 -15.86
N ARG A 293 2.70 -9.34 -16.46
CA ARG A 293 4.00 -9.26 -15.92
C ARG A 293 4.38 -7.77 -15.94
N MET A 294 4.89 -7.25 -14.83
CA MET A 294 5.43 -5.92 -14.86
C MET A 294 6.64 -5.92 -15.79
N THR A 295 6.99 -4.74 -16.28
CA THR A 295 8.04 -4.62 -17.26
C THR A 295 9.39 -4.99 -16.63
N SER A 296 9.47 -5.00 -15.30
CA SER A 296 10.70 -5.44 -14.65
C SER A 296 10.39 -5.82 -13.20
N GLY A 297 11.07 -6.81 -12.65
CA GLY A 297 10.80 -7.20 -11.25
C GLY A 297 11.15 -6.09 -10.25
N ARG A 298 10.30 -5.90 -9.23
CA ARG A 298 10.48 -4.84 -8.24
C ARG A 298 9.63 -5.18 -7.01
N SER A 299 10.02 -4.62 -5.87
CA SER A 299 9.22 -4.68 -4.63
C SER A 299 8.99 -3.27 -4.09
N GLY A 300 8.08 -3.16 -3.13
CA GLY A 300 7.84 -1.91 -2.39
C GLY A 300 7.28 -0.80 -3.25
N VAL A 301 6.41 -1.15 -4.21
CA VAL A 301 5.76 -0.15 -5.06
C VAL A 301 4.56 0.46 -4.32
N GLY A 302 4.15 1.58 -4.86
CA GLY A 302 2.82 2.16 -4.58
C GLY A 302 1.87 1.90 -5.73
N VAL A 303 0.61 1.58 -5.40
CA VAL A 303 -0.36 1.17 -6.42
C VAL A 303 -1.72 1.83 -6.17
N ALA A 304 -2.33 2.33 -7.24
CA ALA A 304 -3.73 2.72 -7.17
C ALA A 304 -4.36 2.78 -8.57
N VAL A 305 -5.65 3.06 -8.59
CA VAL A 305 -6.44 2.98 -9.81
C VAL A 305 -7.11 4.31 -10.09
N THR A 306 -6.98 4.76 -11.33
CA THR A 306 -7.70 5.94 -11.78
C THR A 306 -7.84 5.89 -13.31
N MET A 307 -8.34 6.98 -13.88
CA MET A 307 -8.64 7.12 -15.32
C MET A 307 -7.36 7.00 -16.15
N GLU A 308 -7.51 6.69 -17.45
CA GLU A 308 -6.37 6.65 -18.37
C GLU A 308 -5.94 8.09 -18.70
N PRO A 309 -4.65 8.28 -18.97
CA PRO A 309 -4.08 9.64 -19.09
C PRO A 309 -4.19 10.24 -20.50
CL CL B . 13.65 0.19 2.95
C1 5RQ C . 16.94 -1.62 0.71
C2 5RQ C . 16.53 -2.89 1.40
C3 5RQ C . 17.14 -4.13 0.76
C5 5RQ C . 15.23 -5.80 0.76
C6 5RQ C . 15.91 -7.08 1.24
C7 5RQ C . 15.77 -8.00 0.06
C8 5RQ C . 14.35 -7.75 -0.40
C10 5RQ C . 12.98 -5.62 -0.37
C12 5RQ C . 12.78 -4.18 0.14
C13 5RQ C . 12.96 -3.13 -0.96
C14 5RQ C . 12.64 -1.73 -0.46
C15 5RQ C . 11.24 -1.67 0.18
C16 5RQ C . 11.12 -2.68 1.31
C19 5RQ C . 8.63 -2.13 1.62
C21 5RQ C . 7.49 -2.78 3.64
C22 5RQ C . 8.67 -3.33 4.10
C23 5RQ C . 9.80 -3.28 3.33
C26 5RQ C . 8.46 -4.09 7.49
C27 5RQ C . 9.09 -5.28 7.09
C28 5RQ C . 9.49 -6.41 7.96
O30 5RQ C . 10.49 -7.07 7.59
C31 5RQ C . 9.27 -5.18 5.73
C4 5RQ C . 16.14 -4.91 -0.06
N9 5RQ C . 14.12 -6.33 -0.05
O11 5RQ C . 12.10 -6.12 -1.07
C17 5RQ C . 11.38 -4.07 0.75
C18 5RQ C . 9.80 -2.68 2.08
C20 5RQ C . 7.46 -2.17 2.39
N24 5RQ C . 8.75 -3.95 5.38
N25 5RQ C . 8.24 -3.29 6.46
O29 5RQ C . 8.82 -6.64 8.97
C32 5RQ C . 9.88 -6.10 4.78
C33 5RQ C . 9.27 -7.46 4.55
C34 5RQ C . 9.16 -6.43 3.49
H40 5RQ C . 16.14 -1.13 0.44
H38 5RQ C . 17.47 -1.84 -0.08
H39 5RQ C . 17.47 -1.07 1.32
H42 5RQ C . 16.81 -2.84 2.34
H41 5RQ C . 15.55 -2.96 1.38
H43 5RQ C . 17.49 -4.70 1.48
H44 5RQ C . 17.89 -3.85 0.19
H35 5RQ C . 14.87 -5.29 1.53
H47 5RQ C . 16.85 -6.93 1.44
H48 5RQ C . 15.47 -7.45 2.03
H49 5RQ C . 15.88 -8.94 0.34
H50 5RQ C . 16.41 -7.79 -0.63
H51 5RQ C . 13.72 -8.33 0.06
H52 5RQ C . 14.27 -7.89 -1.37
H36 5RQ C . 13.44 -4.01 0.85
H54 5RQ C . 12.38 -3.36 -1.71
H53 5RQ C . 13.88 -3.16 -1.27
H55 5RQ C . 12.67 -1.10 -1.21
H56 5RQ C . 13.30 -1.45 0.20
H58 5RQ C . 11.07 -0.77 0.52
H57 5RQ C . 10.56 -1.86 -0.51
H37 5RQ C . 11.84 -2.48 1.95
H61 5RQ C . 8.60 -1.71 0.75
H63 5RQ C . 6.70 -2.81 4.17
H64 5RQ C . 10.61 -3.66 3.66
H65 5RQ C . 8.20 -3.88 8.38
H46 5RQ C . 15.59 -4.28 -0.57
H45 5RQ C . 16.64 -5.47 -0.70
H59 5RQ C . 11.29 -4.74 1.46
H60 5RQ C . 10.71 -4.28 0.06
H62 5RQ C . 6.65 -1.79 2.07
H66 5RQ C . 10.86 -6.07 4.71
H68 5RQ C . 8.45 -7.67 5.05
H67 5RQ C . 9.86 -8.21 4.40
H70 5RQ C . 8.29 -6.00 3.34
H69 5RQ C . 9.71 -6.54 2.69
#